data_4OYO
#
_entry.id   4OYO
#
_cell.length_a   100.031
_cell.length_b   100.031
_cell.length_c   98.011
_cell.angle_alpha   90.00
_cell.angle_beta   90.00
_cell.angle_gamma   120.00
#
_symmetry.space_group_name_H-M   'P 63'
#
loop_
_entity.id
_entity.type
_entity.pdbx_description
1 polymer 'Adenylate cyclase type 10'
2 non-polymer 4-(2-chlorophenyl)-5-methyl-1H-pyrazole
3 non-polymer GLYCEROL
4 water water
#
_entity_poly.entity_id   1
_entity_poly.type   'polypeptide(L)'
_entity_poly.pdbx_seq_one_letter_code
;(ACE)MNTPKEEFQDWPIVRIAAHLPDLIVYGHFSPERPFMDYFDGVLMFVDISGFTAMTEKFSSAMYMDRGAEQLVEIL
NYHISAIVEKVLIFGGDILKFAGDALLALWRVERKQLKNIITVVIKCSLEIHGLFETQEWEEGLDIRVKIGLAAGHISML
VFGDETHSHFLVIGQAVDDVRLAQNMAQMNDVILSPNCWQLCDRSMIEIESVPDQRAVKVNFLKPPPNFNFDEFFTKCTT
FMHYYPSGEHKNLLRLA(CME)TLKPDPELEMSLQKYVMESILKQIDNKQLQGYLSELRPVTIVFVNLMFEDQDKAEEIG
PAIQDAYMHITSVLKIFQGQINKVFMFDKGCSFLCVFGFPGEKVPDELTHALECAMDIFDFCSQVHKIQTVSIGVASGIV
FCGIVGHTVRHEYTVIGQKVNLAARMMMYYPGIVTCDSVTYNGSNLPAYFFKELPKKVMKGVADSGPLYQYWGRTEKV
;
_entity_poly.pdbx_strand_id   A
#
loop_
_chem_comp.id
_chem_comp.type
_chem_comp.name
_chem_comp.formula
1WC non-polymer 4-(2-chlorophenyl)-5-methyl-1H-pyrazole 'C10 H9 Cl N2'
ACE non-polymer 'ACETYL GROUP' 'C2 H4 O'
GOL non-polymer GLYCEROL 'C3 H8 O3'
#
# COMPACT_ATOMS: atom_id res chain seq x y z
C ACE A 1 -50.75 7.52 -7.49
O ACE A 1 -50.80 8.64 -6.96
CH3 ACE A 1 -51.58 7.17 -8.76
N MET A 2 -50.01 6.54 -7.03
CA MET A 2 -49.17 6.68 -5.85
C MET A 2 -47.94 7.44 -6.21
N ASN A 3 -47.35 8.09 -5.20
CA ASN A 3 -46.11 8.78 -5.40
C ASN A 3 -44.99 7.81 -5.63
N THR A 4 -43.93 8.27 -6.30
CA THR A 4 -42.71 7.50 -6.53
C THR A 4 -41.55 8.34 -6.01
N PRO A 5 -41.26 8.35 -4.68
CA PRO A 5 -40.03 9.01 -4.21
C PRO A 5 -38.85 8.18 -4.67
N LYS A 6 -37.82 8.81 -5.24
CA LYS A 6 -36.79 8.03 -5.91
C LYS A 6 -35.47 7.97 -5.10
N GLU A 7 -34.38 7.54 -5.78
CA GLU A 7 -32.98 7.38 -5.33
C GLU A 7 -32.83 6.39 -4.17
N GLU A 8 -32.12 5.27 -4.44
CA GLU A 8 -31.80 4.25 -3.44
C GLU A 8 -30.91 4.84 -2.33
N PHE A 9 -31.20 4.47 -1.07
CA PHE A 9 -30.32 4.75 0.07
C PHE A 9 -29.03 3.94 -0.13
N GLN A 10 -27.87 4.61 -0.06
CA GLN A 10 -26.63 3.87 -0.26
C GLN A 10 -25.64 4.03 0.91
N ASP A 11 -26.07 4.47 2.12
CA ASP A 11 -25.02 4.78 3.12
C ASP A 11 -24.88 3.72 4.24
N TRP A 12 -25.11 2.46 3.88
CA TRP A 12 -25.11 1.37 4.88
C TRP A 12 -23.69 1.07 5.38
N PRO A 13 -23.53 0.54 6.61
CA PRO A 13 -22.20 0.09 7.07
C PRO A 13 -21.46 -0.79 6.04
N ILE A 14 -22.15 -1.74 5.41
CA ILE A 14 -21.47 -2.63 4.45
C ILE A 14 -20.83 -1.78 3.28
N VAL A 15 -21.54 -0.73 2.86
CA VAL A 15 -21.00 0.17 1.76
C VAL A 15 -19.75 0.94 2.30
N ARG A 16 -19.88 1.47 3.53
CA ARG A 16 -18.75 2.20 4.13
C ARG A 16 -17.53 1.29 4.28
N ILE A 17 -17.74 0.02 4.67
CA ILE A 17 -16.62 -0.93 4.79
C ILE A 17 -16.02 -1.19 3.39
N ALA A 18 -16.86 -1.37 2.40
CA ALA A 18 -16.40 -1.67 1.03
C ALA A 18 -15.55 -0.55 0.44
N ALA A 19 -15.72 0.71 0.91
CA ALA A 19 -14.84 1.79 0.41
C ALA A 19 -13.37 1.48 0.72
N HIS A 20 -13.09 0.72 1.81
CA HIS A 20 -11.72 0.42 2.24
C HIS A 20 -11.09 -0.74 1.48
N LEU A 21 -11.82 -1.31 0.49
CA LEU A 21 -11.37 -2.53 -0.16
C LEU A 21 -11.52 -2.49 -1.69
N PRO A 22 -10.63 -3.21 -2.42
CA PRO A 22 -10.77 -3.28 -3.87
C PRO A 22 -11.89 -4.25 -4.23
N ASP A 23 -12.39 -4.18 -5.48
CA ASP A 23 -13.34 -5.14 -6.07
C ASP A 23 -12.82 -6.59 -6.02
N LEU A 24 -11.47 -6.72 -6.11
CA LEU A 24 -10.78 -8.01 -6.00
C LEU A 24 -11.25 -8.74 -4.74
N ILE A 25 -11.47 -8.00 -3.62
CA ILE A 25 -11.95 -8.57 -2.37
C ILE A 25 -13.48 -8.49 -2.25
N VAL A 26 -14.06 -7.30 -2.51
CA VAL A 26 -15.49 -7.10 -2.32
C VAL A 26 -16.32 -8.17 -3.09
N TYR A 27 -15.94 -8.40 -4.36
CA TYR A 27 -16.64 -9.35 -5.22
C TYR A 27 -15.93 -10.71 -5.35
N GLY A 28 -14.96 -10.96 -4.46
CA GLY A 28 -14.15 -12.18 -4.51
C GLY A 28 -14.85 -13.52 -4.31
N HIS A 29 -15.82 -13.61 -3.39
CA HIS A 29 -16.47 -14.93 -3.00
C HIS A 29 -15.48 -16.20 -2.81
N PHE A 30 -14.49 -16.13 -1.89
CA PHE A 30 -13.60 -17.29 -1.89
C PHE A 30 -13.67 -18.18 -0.64
N SER A 31 -12.95 -19.31 -0.74
CA SER A 31 -12.82 -20.41 0.21
C SER A 31 -12.48 -19.95 1.61
N PRO A 32 -12.92 -20.72 2.64
CA PRO A 32 -12.58 -20.33 4.02
C PRO A 32 -11.12 -20.53 4.38
N GLU A 33 -10.45 -21.53 3.74
CA GLU A 33 -9.05 -21.86 4.01
C GLU A 33 -8.14 -20.58 4.06
N ARG A 34 -7.20 -20.59 5.01
CA ARG A 34 -6.10 -19.65 4.96
C ARG A 34 -4.83 -20.52 4.97
N PRO A 35 -3.90 -20.34 4.02
CA PRO A 35 -3.94 -19.31 2.95
C PRO A 35 -4.93 -19.67 1.84
N PHE A 36 -5.39 -18.65 1.11
CA PHE A 36 -6.15 -18.83 -0.13
C PHE A 36 -5.33 -18.20 -1.25
N MET A 37 -5.17 -18.92 -2.36
CA MET A 37 -4.45 -18.38 -3.51
CA MET A 37 -4.45 -18.39 -3.52
C MET A 37 -5.29 -18.44 -4.78
N ASP A 38 -5.18 -17.43 -5.60
CA ASP A 38 -5.88 -17.36 -6.91
C ASP A 38 -4.89 -16.84 -7.92
N TYR A 39 -5.14 -17.09 -9.22
CA TYR A 39 -4.19 -16.84 -10.30
C TYR A 39 -4.99 -16.21 -11.44
N PHE A 40 -4.47 -15.14 -12.04
CA PHE A 40 -5.14 -14.48 -13.17
C PHE A 40 -4.13 -13.70 -13.96
N ASP A 41 -4.59 -12.92 -14.94
CA ASP A 41 -3.77 -12.02 -15.74
C ASP A 41 -4.29 -10.63 -15.61
N GLY A 42 -3.42 -9.66 -15.78
CA GLY A 42 -3.88 -8.27 -15.71
C GLY A 42 -2.82 -7.25 -16.04
N VAL A 43 -3.22 -5.97 -16.00
CA VAL A 43 -2.31 -4.84 -16.16
C VAL A 43 -2.28 -4.11 -14.82
N LEU A 44 -1.09 -3.78 -14.37
CA LEU A 44 -0.90 -3.08 -13.11
C LEU A 44 -0.40 -1.67 -13.38
N MET A 45 -0.87 -0.72 -12.57
CA MET A 45 -0.37 0.66 -12.63
C MET A 45 0.09 1.01 -11.24
N PHE A 46 1.36 1.42 -11.11
CA PHE A 46 1.92 1.86 -9.82
C PHE A 46 2.19 3.35 -9.93
N VAL A 47 1.46 4.16 -9.13
CA VAL A 47 1.51 5.63 -9.16
C VAL A 47 2.21 6.07 -7.89
N ASP A 48 3.34 6.78 -8.04
CA ASP A 48 4.06 7.31 -6.86
C ASP A 48 3.88 8.83 -6.80
N ILE A 49 3.46 9.40 -5.64
CA ILE A 49 3.45 10.86 -5.50
C ILE A 49 4.83 11.21 -4.91
N SER A 50 5.82 11.36 -5.78
CA SER A 50 7.21 11.44 -5.31
C SER A 50 7.49 12.75 -4.59
N GLY A 51 8.21 12.65 -3.47
CA GLY A 51 8.51 13.80 -2.63
C GLY A 51 7.48 14.07 -1.56
N PHE A 52 6.27 13.46 -1.66
CA PHE A 52 5.18 13.75 -0.72
C PHE A 52 5.57 13.59 0.78
N THR A 53 6.13 12.42 1.17
CA THR A 53 6.67 12.19 2.54
C THR A 53 7.56 13.31 3.05
N ALA A 54 8.51 13.79 2.22
CA ALA A 54 9.36 14.94 2.60
C ALA A 54 8.57 16.24 2.87
N MET A 55 7.25 16.26 2.58
CA MET A 55 6.33 17.38 2.88
C MET A 55 5.38 17.07 4.07
N THR A 56 5.28 15.80 4.53
CA THR A 56 4.68 15.53 5.84
C THR A 56 5.46 16.25 6.96
N GLU A 57 6.79 16.36 6.87
CA GLU A 57 7.60 16.92 7.97
C GLU A 57 7.40 18.48 8.08
N LYS A 58 7.25 19.15 6.93
CA LYS A 58 6.78 20.55 6.78
C LYS A 58 5.46 20.83 7.55
N PHE A 59 4.49 19.90 7.47
CA PHE A 59 3.21 20.11 8.15
C PHE A 59 3.35 19.94 9.69
N SER A 60 4.53 19.48 10.21
CA SER A 60 4.79 19.51 11.68
C SER A 60 5.22 20.88 12.19
N SER A 61 5.58 21.77 11.27
CA SER A 61 6.07 23.06 11.71
C SER A 61 4.99 23.93 12.36
N ALA A 62 5.46 24.86 13.20
CA ALA A 62 4.63 25.77 13.99
C ALA A 62 3.73 26.58 13.08
N MET A 63 4.12 26.77 11.80
CA MET A 63 3.26 27.61 10.95
C MET A 63 1.86 27.02 10.74
N TYR A 64 1.69 25.68 10.88
CA TYR A 64 0.39 25.01 10.69
C TYR A 64 -0.44 25.04 11.96
N MET A 65 0.16 25.63 13.04
CA MET A 65 -0.63 25.95 14.24
C MET A 65 -1.37 24.72 14.78
N ASP A 66 -0.70 23.61 14.90
CA ASP A 66 -1.37 22.39 15.42
C ASP A 66 -2.56 21.85 14.58
N ARG A 67 -2.75 22.35 13.33
CA ARG A 67 -3.68 21.70 12.39
C ARG A 67 -2.89 21.08 11.22
N GLY A 68 -1.62 20.71 11.45
CA GLY A 68 -0.83 20.08 10.39
C GLY A 68 -1.47 18.82 9.81
N ALA A 69 -1.98 17.92 10.69
CA ALA A 69 -2.52 16.65 10.19
C ALA A 69 -3.78 16.91 9.37
N GLU A 70 -4.61 17.84 9.84
CA GLU A 70 -5.88 18.17 9.16
C GLU A 70 -5.58 18.78 7.79
N GLN A 71 -4.60 19.71 7.72
CA GLN A 71 -4.27 20.36 6.45
C GLN A 71 -3.61 19.31 5.51
N LEU A 72 -2.74 18.45 6.07
CA LEU A 72 -2.08 17.44 5.26
C LEU A 72 -3.07 16.48 4.58
N VAL A 73 -3.98 15.89 5.34
CA VAL A 73 -4.98 14.94 4.80
C VAL A 73 -5.87 15.68 3.77
N GLU A 74 -6.21 16.96 4.04
CA GLU A 74 -7.08 17.69 3.11
C GLU A 74 -6.40 17.86 1.72
N ILE A 75 -5.15 18.38 1.73
CA ILE A 75 -4.47 18.62 0.44
C ILE A 75 -4.11 17.27 -0.25
N LEU A 76 -3.66 16.29 0.54
CA LEU A 76 -3.31 14.97 -0.05
C LEU A 76 -4.59 14.38 -0.71
N ASN A 77 -5.71 14.33 0.04
CA ASN A 77 -6.93 13.80 -0.53
C ASN A 77 -7.49 14.59 -1.69
N TYR A 78 -7.28 15.90 -1.73
CA TYR A 78 -7.75 16.70 -2.85
C TYR A 78 -7.08 16.15 -4.15
N HIS A 79 -5.78 15.94 -4.09
CA HIS A 79 -5.01 15.48 -5.26
C HIS A 79 -5.17 13.98 -5.52
N ILE A 80 -5.05 13.13 -4.48
CA ILE A 80 -5.20 11.68 -4.65
C ILE A 80 -6.61 11.33 -5.14
N SER A 81 -7.70 12.03 -4.65
CA SER A 81 -9.07 11.77 -5.13
C SER A 81 -9.18 11.90 -6.65
N ALA A 82 -8.48 12.91 -7.23
CA ALA A 82 -8.55 13.13 -8.68
C ALA A 82 -7.89 11.93 -9.42
N ILE A 83 -6.77 11.42 -8.88
CA ILE A 83 -6.08 10.22 -9.46
C ILE A 83 -7.01 8.99 -9.34
N VAL A 84 -7.54 8.73 -8.15
CA VAL A 84 -8.53 7.66 -7.95
C VAL A 84 -9.69 7.75 -8.95
N GLU A 85 -10.30 8.93 -9.09
CA GLU A 85 -11.44 9.07 -10.02
C GLU A 85 -11.01 8.67 -11.42
N LYS A 86 -9.81 9.10 -11.86
CA LYS A 86 -9.34 8.74 -13.21
C LYS A 86 -9.21 7.23 -13.37
N VAL A 87 -8.57 6.59 -12.39
CA VAL A 87 -8.39 5.14 -12.44
C VAL A 87 -9.77 4.46 -12.51
N LEU A 88 -10.68 4.85 -11.62
CA LEU A 88 -11.98 4.20 -11.60
C LEU A 88 -12.81 4.42 -12.91
N ILE A 89 -12.83 5.66 -13.47
CA ILE A 89 -13.56 5.91 -14.70
C ILE A 89 -12.95 5.11 -15.89
N PHE A 90 -11.60 4.88 -15.85
CA PHE A 90 -10.92 4.06 -16.88
C PHE A 90 -11.06 2.52 -16.62
N GLY A 91 -11.83 2.15 -15.60
CA GLY A 91 -12.19 0.75 -15.36
C GLY A 91 -11.25 -0.04 -14.46
N GLY A 92 -10.32 0.65 -13.79
CA GLY A 92 -9.34 0.03 -12.92
C GLY A 92 -9.85 -0.21 -11.50
N ASP A 93 -9.16 -1.06 -10.77
CA ASP A 93 -9.51 -1.42 -9.37
C ASP A 93 -8.34 -0.99 -8.52
N ILE A 94 -8.56 -0.05 -7.58
CA ILE A 94 -7.45 0.44 -6.74
C ILE A 94 -7.21 -0.65 -5.70
N LEU A 95 -6.07 -1.30 -5.75
CA LEU A 95 -5.79 -2.43 -4.80
C LEU A 95 -5.44 -1.95 -3.41
N LYS A 96 -4.54 -0.95 -3.32
CA LYS A 96 -3.99 -0.52 -2.03
C LYS A 96 -3.34 0.83 -2.15
N PHE A 97 -3.34 1.57 -1.04
CA PHE A 97 -2.58 2.81 -0.85
C PHE A 97 -1.46 2.51 0.16
N ALA A 98 -0.25 2.97 -0.10
CA ALA A 98 0.83 2.72 0.89
C ALA A 98 1.85 3.77 0.70
N GLY A 99 2.31 4.36 1.80
CA GLY A 99 3.35 5.38 1.74
C GLY A 99 2.90 6.52 0.89
N ASP A 100 3.66 6.80 -0.21
CA ASP A 100 3.36 7.88 -1.15
C ASP A 100 2.58 7.38 -2.40
N ALA A 101 2.28 6.05 -2.45
CA ALA A 101 1.89 5.37 -3.69
C ALA A 101 0.44 4.82 -3.69
N LEU A 102 -0.03 4.45 -4.90
CA LEU A 102 -1.16 3.52 -4.97
C LEU A 102 -0.90 2.52 -6.09
N LEU A 103 -1.51 1.34 -5.99
CA LEU A 103 -1.39 0.31 -7.00
C LEU A 103 -2.78 0.00 -7.51
N ALA A 104 -2.97 0.02 -8.82
CA ALA A 104 -4.28 -0.30 -9.46
C ALA A 104 -4.14 -1.49 -10.40
N LEU A 105 -5.23 -2.21 -10.57
CA LEU A 105 -5.28 -3.45 -11.36
C LEU A 105 -6.43 -3.39 -12.36
N TRP A 106 -6.15 -3.82 -13.62
CA TRP A 106 -7.20 -4.13 -14.59
C TRP A 106 -7.04 -5.63 -14.82
N ARG A 107 -7.94 -6.41 -14.22
CA ARG A 107 -7.91 -7.87 -14.38
C ARG A 107 -8.68 -8.19 -15.64
N VAL A 108 -8.05 -8.96 -16.54
CA VAL A 108 -8.72 -9.34 -17.78
C VAL A 108 -8.20 -10.69 -18.30
N GLU A 109 -8.95 -11.35 -19.22
CA GLU A 109 -8.41 -12.56 -19.86
C GLU A 109 -7.22 -12.20 -20.73
N ARG A 110 -6.26 -13.16 -20.92
CA ARG A 110 -5.04 -12.98 -21.71
C ARG A 110 -5.27 -12.31 -23.05
N LYS A 111 -6.33 -12.71 -23.81
CA LYS A 111 -6.64 -12.17 -25.14
C LYS A 111 -6.93 -10.68 -25.13
N GLN A 112 -7.35 -10.16 -23.99
CA GLN A 112 -7.69 -8.74 -23.91
C GLN A 112 -6.55 -7.88 -23.38
N LEU A 113 -5.43 -8.49 -23.00
CA LEU A 113 -4.32 -7.72 -22.40
C LEU A 113 -3.82 -6.61 -23.33
N LYS A 114 -3.60 -6.93 -24.63
CA LYS A 114 -3.19 -5.91 -25.61
C LYS A 114 -4.07 -4.64 -25.57
N ASN A 115 -5.39 -4.77 -25.76
CA ASN A 115 -6.27 -3.60 -25.76
C ASN A 115 -6.34 -2.91 -24.41
N ILE A 116 -6.36 -3.67 -23.30
CA ILE A 116 -6.40 -3.06 -21.97
C ILE A 116 -5.14 -2.21 -21.68
N ILE A 117 -3.96 -2.62 -22.16
CA ILE A 117 -2.74 -1.81 -22.01
C ILE A 117 -2.95 -0.43 -22.63
N THR A 118 -3.57 -0.38 -23.82
CA THR A 118 -3.84 0.90 -24.47
C THR A 118 -4.72 1.82 -23.54
N VAL A 119 -5.80 1.26 -22.99
CA VAL A 119 -6.66 1.96 -22.00
C VAL A 119 -5.81 2.50 -20.80
N VAL A 120 -4.95 1.63 -20.25
CA VAL A 120 -4.15 1.98 -19.06
C VAL A 120 -3.09 3.08 -19.40
N ILE A 121 -2.50 3.02 -20.59
CA ILE A 121 -1.60 4.09 -21.04
C ILE A 121 -2.35 5.41 -21.15
N LYS A 122 -3.53 5.40 -21.77
CA LYS A 122 -4.36 6.61 -21.89
C LYS A 122 -4.67 7.17 -20.51
N CYS A 123 -5.12 6.29 -19.61
CA CYS A 123 -5.36 6.67 -18.22
C CYS A 123 -4.11 7.37 -17.63
N SER A 124 -2.92 6.71 -17.73
CA SER A 124 -1.64 7.18 -17.17
C SER A 124 -1.34 8.60 -17.70
N LEU A 125 -1.49 8.80 -19.03
CA LEU A 125 -1.29 10.12 -19.62
C LEU A 125 -2.26 11.19 -19.08
N GLU A 126 -3.54 10.83 -18.92
CA GLU A 126 -4.51 11.74 -18.34
C GLU A 126 -4.20 12.08 -16.86
N ILE A 127 -3.71 11.12 -16.11
CA ILE A 127 -3.23 11.38 -14.72
C ILE A 127 -2.12 12.45 -14.73
N HIS A 128 -1.07 12.24 -15.55
CA HIS A 128 -0.03 13.26 -15.71
C HIS A 128 -0.63 14.63 -16.06
N GLY A 129 -1.64 14.65 -16.93
CA GLY A 129 -2.34 15.84 -17.38
C GLY A 129 -2.98 16.64 -16.24
N LEU A 130 -3.44 15.95 -15.20
CA LEU A 130 -4.00 16.61 -14.00
C LEU A 130 -2.96 17.57 -13.37
N PHE A 131 -1.67 17.23 -13.44
CA PHE A 131 -0.62 17.89 -12.64
C PHE A 131 0.32 18.78 -13.45
N GLU A 132 0.03 18.99 -14.75
CA GLU A 132 0.86 19.76 -15.69
C GLU A 132 1.17 21.20 -15.24
N THR A 133 0.14 21.97 -14.88
CA THR A 133 0.35 23.31 -14.29
C THR A 133 -0.15 23.33 -12.83
N GLN A 134 0.64 22.71 -11.92
CA GLN A 134 0.31 22.60 -10.49
C GLN A 134 1.52 22.71 -9.54
N GLU A 135 1.42 23.59 -8.53
CA GLU A 135 2.36 23.82 -7.41
C GLU A 135 1.63 24.58 -6.26
N TRP A 136 2.31 24.83 -5.10
CA TRP A 136 1.69 25.57 -4.00
C TRP A 136 2.43 26.85 -3.62
N GLU A 137 3.54 26.77 -2.86
CA GLU A 137 4.26 27.97 -2.47
C GLU A 137 5.09 28.53 -3.64
N GLU A 138 6.13 27.79 -4.07
CA GLU A 138 6.98 28.14 -5.21
C GLU A 138 7.55 26.91 -5.92
N GLY A 139 8.35 26.12 -5.19
CA GLY A 139 9.03 24.95 -5.72
C GLY A 139 8.38 23.62 -5.38
N LEU A 140 7.03 23.62 -5.31
CA LEU A 140 6.26 22.40 -5.04
C LEU A 140 6.28 21.49 -6.27
N ASP A 141 6.87 20.29 -6.13
CA ASP A 141 6.97 19.29 -7.19
C ASP A 141 5.79 18.31 -7.17
N ILE A 142 4.55 18.85 -7.26
CA ILE A 142 3.38 18.00 -7.41
C ILE A 142 3.33 17.50 -8.87
N ARG A 143 4.04 16.37 -9.07
CA ARG A 143 4.13 15.55 -10.27
C ARG A 143 4.17 14.07 -9.82
N VAL A 144 3.75 13.16 -10.68
CA VAL A 144 3.76 11.75 -10.30
C VAL A 144 4.73 10.95 -11.19
N LYS A 145 5.06 9.75 -10.77
CA LYS A 145 5.83 8.79 -11.58
C LYS A 145 4.94 7.57 -11.73
N ILE A 146 4.82 7.05 -12.96
CA ILE A 146 3.93 5.89 -13.22
C ILE A 146 4.75 4.75 -13.85
N GLY A 147 4.66 3.57 -13.24
CA GLY A 147 5.14 2.33 -13.82
C GLY A 147 3.95 1.46 -14.21
N LEU A 148 4.01 0.83 -15.39
CA LEU A 148 2.99 -0.13 -15.83
C LEU A 148 3.60 -1.50 -16.08
N ALA A 149 2.87 -2.56 -15.70
CA ALA A 149 3.36 -3.90 -16.00
C ALA A 149 2.13 -4.72 -16.41
N ALA A 150 2.34 -5.88 -17.03
CA ALA A 150 1.26 -6.74 -17.52
C ALA A 150 1.72 -8.18 -17.50
N GLY A 151 0.79 -9.09 -17.23
CA GLY A 151 1.13 -10.51 -17.21
C GLY A 151 0.43 -11.27 -16.12
N HIS A 152 1.04 -12.40 -15.74
CA HIS A 152 0.46 -13.31 -14.76
C HIS A 152 0.54 -12.68 -13.36
N ILE A 153 -0.56 -12.77 -12.62
CA ILE A 153 -0.65 -12.23 -11.23
C ILE A 153 -1.21 -13.29 -10.33
N SER A 154 -0.63 -13.45 -9.12
CA SER A 154 -1.23 -14.32 -8.10
C SER A 154 -1.74 -13.42 -6.97
N MET A 155 -2.84 -13.82 -6.34
CA MET A 155 -3.31 -13.14 -5.13
C MET A 155 -3.19 -14.13 -4.01
N LEU A 156 -2.81 -13.63 -2.84
CA LEU A 156 -2.76 -14.45 -1.66
C LEU A 156 -3.61 -13.74 -0.63
N VAL A 157 -4.51 -14.50 0.04
CA VAL A 157 -5.24 -14.01 1.19
C VAL A 157 -4.81 -14.86 2.38
N PHE A 158 -4.43 -14.21 3.48
CA PHE A 158 -3.99 -14.91 4.68
C PHE A 158 -4.65 -14.26 5.87
N GLY A 159 -4.68 -14.95 7.00
CA GLY A 159 -5.22 -14.39 8.22
C GLY A 159 -5.77 -15.45 9.14
N ASP A 160 -6.48 -14.98 10.16
CA ASP A 160 -7.04 -15.90 11.15
C ASP A 160 -8.53 -15.74 11.21
N GLU A 161 -9.17 -16.16 12.34
CA GLU A 161 -10.61 -16.14 12.41
C GLU A 161 -11.19 -14.73 12.43
N THR A 162 -10.39 -13.70 12.83
CA THR A 162 -10.92 -12.33 13.01
C THR A 162 -10.31 -11.32 12.01
N HIS A 163 -9.14 -11.65 11.40
CA HIS A 163 -8.44 -10.68 10.54
C HIS A 163 -8.02 -11.33 9.22
N SER A 164 -8.12 -10.56 8.12
CA SER A 164 -7.67 -11.01 6.81
C SER A 164 -6.79 -9.92 6.18
N HIS A 165 -5.83 -10.38 5.36
CA HIS A 165 -4.94 -9.51 4.60
C HIS A 165 -4.81 -10.10 3.22
N PHE A 166 -4.55 -9.26 2.21
CA PHE A 166 -4.24 -9.83 0.91
C PHE A 166 -2.95 -9.14 0.31
N LEU A 167 -2.34 -9.82 -0.64
CA LEU A 167 -1.14 -9.43 -1.35
C LEU A 167 -1.33 -9.87 -2.79
N VAL A 168 -0.78 -9.10 -3.73
CA VAL A 168 -0.57 -9.63 -5.06
C VAL A 168 0.94 -9.93 -5.25
N ILE A 169 1.25 -11.02 -5.99
CA ILE A 169 2.60 -11.58 -6.12
C ILE A 169 2.89 -11.90 -7.59
N GLY A 170 4.18 -11.91 -7.93
CA GLY A 170 4.68 -12.49 -9.18
C GLY A 170 5.51 -11.53 -9.98
N GLN A 171 5.93 -11.97 -11.17
CA GLN A 171 6.88 -11.19 -11.96
C GLN A 171 6.27 -9.84 -12.36
N ALA A 172 5.00 -9.79 -12.81
CA ALA A 172 4.33 -8.51 -13.16
C ALA A 172 4.30 -7.54 -11.97
N VAL A 173 4.02 -8.07 -10.75
CA VAL A 173 4.11 -7.23 -9.55
C VAL A 173 5.54 -6.67 -9.34
N ASP A 174 6.55 -7.51 -9.37
CA ASP A 174 7.95 -7.01 -9.22
C ASP A 174 8.25 -6.01 -10.33
N ASP A 175 7.80 -6.30 -11.54
CA ASP A 175 8.10 -5.48 -12.72
C ASP A 175 7.53 -4.07 -12.57
N VAL A 176 6.31 -3.95 -12.00
CA VAL A 176 5.67 -2.66 -11.89
C VAL A 176 6.45 -1.73 -10.94
N ARG A 177 7.04 -2.31 -9.90
CA ARG A 177 7.83 -1.48 -8.98
C ARG A 177 9.15 -1.08 -9.63
N LEU A 178 9.77 -2.01 -10.34
CA LEU A 178 11.00 -1.71 -11.07
C LEU A 178 10.77 -0.63 -12.13
N ALA A 179 9.63 -0.69 -12.86
CA ALA A 179 9.22 0.30 -13.88
C ALA A 179 9.02 1.70 -13.26
N GLN A 180 8.22 1.81 -12.17
CA GLN A 180 8.01 3.10 -11.47
C GLN A 180 9.37 3.71 -10.95
N ASN A 181 10.28 2.87 -10.51
CA ASN A 181 11.61 3.28 -9.98
C ASN A 181 12.53 3.87 -11.04
N MET A 182 12.34 3.49 -12.33
CA MET A 182 13.08 4.02 -13.48
C MET A 182 12.51 5.35 -13.93
N ALA A 183 11.24 5.62 -13.57
CA ALA A 183 10.51 6.80 -14.00
C ALA A 183 11.09 8.07 -13.35
N GLN A 184 11.22 9.13 -14.15
CA GLN A 184 11.42 10.47 -13.63
C GLN A 184 10.00 11.05 -13.48
N MET A 185 9.88 12.25 -12.88
CA MET A 185 8.60 12.96 -12.86
C MET A 185 8.04 13.06 -14.28
N ASN A 186 6.72 12.79 -14.46
CA ASN A 186 5.95 12.89 -15.72
C ASN A 186 6.16 11.69 -16.66
N ASP A 187 6.92 10.69 -16.25
CA ASP A 187 7.13 9.51 -17.10
C ASP A 187 6.07 8.44 -16.89
N VAL A 188 5.82 7.71 -18.00
CA VAL A 188 5.09 6.43 -17.96
C VAL A 188 6.09 5.39 -18.47
N ILE A 189 6.48 4.46 -17.59
CA ILE A 189 7.42 3.39 -17.95
C ILE A 189 6.67 2.10 -18.11
N LEU A 190 6.87 1.41 -19.24
CA LEU A 190 6.32 0.07 -19.42
C LEU A 190 7.35 -0.96 -19.04
N SER A 191 6.96 -1.98 -18.25
CA SER A 191 7.80 -3.17 -18.05
C SER A 191 8.17 -3.85 -19.41
N PRO A 192 9.26 -4.65 -19.46
CA PRO A 192 9.55 -5.43 -20.68
C PRO A 192 8.37 -6.24 -21.23
N ASN A 193 7.68 -7.02 -20.34
CA ASN A 193 6.55 -7.84 -20.77
C ASN A 193 5.38 -6.97 -21.23
N CYS A 194 5.15 -5.84 -20.56
CA CYS A 194 4.09 -4.89 -20.99
C CYS A 194 4.36 -4.38 -22.41
N TRP A 195 5.58 -3.89 -22.65
CA TRP A 195 6.00 -3.45 -23.99
C TRP A 195 5.86 -4.59 -25.05
N GLN A 196 6.17 -5.83 -24.66
CA GLN A 196 6.05 -7.02 -25.53
C GLN A 196 4.58 -7.33 -25.86
N LEU A 197 3.67 -7.09 -24.91
CA LEU A 197 2.24 -7.44 -25.07
C LEU A 197 1.40 -6.31 -25.63
N CYS A 198 1.95 -5.07 -25.68
CA CYS A 198 1.13 -3.91 -26.05
C CYS A 198 0.86 -3.80 -27.54
N ASP A 199 -0.06 -2.89 -27.92
CA ASP A 199 -0.35 -2.56 -29.30
C ASP A 199 0.68 -1.50 -29.72
N ARG A 200 1.77 -1.94 -30.32
CA ARG A 200 2.87 -1.03 -30.70
C ARG A 200 2.51 -0.03 -31.78
N SER A 201 1.37 -0.22 -32.48
CA SER A 201 0.92 0.73 -33.50
C SER A 201 0.31 1.99 -32.83
N MET A 202 0.00 1.88 -31.56
CA MET A 202 -0.67 2.91 -30.77
C MET A 202 0.35 3.90 -30.19
N ILE A 203 1.59 3.47 -29.99
CA ILE A 203 2.50 4.27 -29.16
C ILE A 203 3.85 4.49 -29.80
N GLU A 204 4.51 5.59 -29.41
CA GLU A 204 5.93 5.77 -29.72
C GLU A 204 6.70 5.71 -28.40
N ILE A 205 7.75 4.89 -28.36
CA ILE A 205 8.51 4.73 -27.13
C ILE A 205 9.93 5.21 -27.32
N GLU A 206 10.67 5.27 -26.20
CA GLU A 206 12.14 5.27 -26.27
C GLU A 206 12.73 4.26 -25.29
N SER A 207 13.93 3.77 -25.63
CA SER A 207 14.75 2.90 -24.80
C SER A 207 15.09 3.56 -23.47
N VAL A 208 15.21 2.76 -22.42
CA VAL A 208 15.68 3.22 -21.11
C VAL A 208 17.11 2.63 -20.94
N PRO A 209 18.15 3.48 -20.75
CA PRO A 209 19.52 2.96 -20.75
C PRO A 209 19.74 1.86 -19.72
N ASP A 210 20.43 0.77 -20.13
CA ASP A 210 20.78 -0.41 -19.33
C ASP A 210 19.53 -1.11 -18.74
N GLN A 211 18.40 -1.01 -19.45
CA GLN A 211 17.10 -1.59 -19.07
C GLN A 211 16.37 -2.07 -20.32
N ARG A 212 15.51 -3.10 -20.18
CA ARG A 212 14.63 -3.59 -21.26
C ARG A 212 13.27 -2.90 -21.19
N ALA A 213 12.96 -2.25 -20.05
CA ALA A 213 11.75 -1.44 -19.93
C ALA A 213 11.83 -0.25 -20.90
N VAL A 214 10.68 0.33 -21.27
CA VAL A 214 10.65 1.45 -22.21
C VAL A 214 9.87 2.62 -21.64
N LYS A 215 10.14 3.82 -22.13
CA LYS A 215 9.37 5.00 -21.73
C LYS A 215 8.38 5.35 -22.84
N VAL A 216 7.12 5.67 -22.48
CA VAL A 216 6.11 6.09 -23.45
C VAL A 216 6.36 7.56 -23.81
N ASN A 217 6.62 7.85 -25.09
CA ASN A 217 6.71 9.25 -25.52
C ASN A 217 5.36 9.83 -25.82
N PHE A 218 4.55 9.11 -26.63
CA PHE A 218 3.21 9.53 -27.05
C PHE A 218 2.34 8.32 -27.34
N LEU A 219 1.04 8.47 -27.13
CA LEU A 219 0.01 7.59 -27.67
C LEU A 219 -0.46 8.36 -28.91
N LYS A 220 -0.21 7.76 -30.09
CA LYS A 220 -0.49 8.31 -31.42
C LYS A 220 -1.26 7.22 -32.18
N PRO A 221 -2.59 7.22 -31.98
CA PRO A 221 -3.44 6.18 -32.53
C PRO A 221 -3.67 6.35 -34.03
N PRO A 222 -4.09 5.26 -34.73
CA PRO A 222 -4.38 5.36 -36.16
C PRO A 222 -5.39 6.44 -36.59
N PRO A 223 -5.30 6.89 -37.86
CA PRO A 223 -6.30 7.79 -38.43
C PRO A 223 -7.74 7.52 -38.10
N ASN A 224 -8.24 6.27 -38.16
CA ASN A 224 -9.68 6.07 -37.95
C ASN A 224 -10.06 5.80 -36.46
N PHE A 225 -9.11 5.97 -35.56
CA PHE A 225 -9.31 5.52 -34.17
C PHE A 225 -10.16 6.50 -33.35
N ASN A 226 -11.09 5.96 -32.54
CA ASN A 226 -11.92 6.80 -31.68
C ASN A 226 -11.82 6.22 -30.26
N PHE A 227 -11.14 6.91 -29.33
CA PHE A 227 -10.91 6.30 -28.01
C PHE A 227 -12.22 5.92 -27.28
N ASP A 228 -13.24 6.78 -27.34
CA ASP A 228 -14.51 6.50 -26.66
C ASP A 228 -15.13 5.20 -27.15
N GLU A 229 -15.20 4.99 -28.47
CA GLU A 229 -15.76 3.77 -29.04
C GLU A 229 -14.89 2.57 -28.70
N PHE A 230 -13.54 2.73 -28.74
CA PHE A 230 -12.60 1.67 -28.30
C PHE A 230 -12.81 1.30 -26.81
N PHE A 231 -12.94 2.31 -25.95
CA PHE A 231 -13.10 2.08 -24.51
C PHE A 231 -14.43 1.31 -24.31
N THR A 232 -15.50 1.74 -25.00
CA THR A 232 -16.79 1.02 -24.94
C THR A 232 -16.59 -0.45 -25.27
N LYS A 233 -15.86 -0.76 -26.36
CA LYS A 233 -15.57 -2.16 -26.70
C LYS A 233 -14.84 -2.84 -25.56
N CYS A 234 -13.85 -2.16 -24.97
CA CYS A 234 -13.12 -2.76 -23.83
C CYS A 234 -14.00 -3.07 -22.62
N THR A 235 -15.06 -2.28 -22.39
CA THR A 235 -15.94 -2.48 -21.17
C THR A 235 -16.67 -3.83 -21.19
N THR A 236 -16.83 -4.47 -22.40
CA THR A 236 -17.39 -5.83 -22.56
C THR A 236 -16.68 -6.81 -21.65
N PHE A 237 -15.37 -6.60 -21.43
CA PHE A 237 -14.53 -7.48 -20.64
C PHE A 237 -14.36 -7.03 -19.18
N MET A 238 -15.01 -5.90 -18.78
CA MET A 238 -14.90 -5.34 -17.41
C MET A 238 -16.14 -5.74 -16.64
N HIS A 239 -16.01 -6.78 -15.80
CA HIS A 239 -17.12 -7.39 -15.08
C HIS A 239 -17.93 -6.34 -14.29
N TYR A 240 -17.25 -5.38 -13.60
CA TYR A 240 -17.94 -4.51 -12.63
C TYR A 240 -18.00 -3.05 -13.02
N TYR A 241 -17.79 -2.76 -14.31
CA TYR A 241 -17.81 -1.37 -14.76
C TYR A 241 -19.22 -0.80 -14.57
N PRO A 242 -19.40 0.29 -13.80
CA PRO A 242 -20.75 0.83 -13.56
C PRO A 242 -21.49 1.17 -14.84
N SER A 243 -22.72 0.65 -14.99
CA SER A 243 -23.40 0.75 -16.30
C SER A 243 -24.90 0.85 -16.13
N GLY A 244 -25.61 1.20 -17.21
CA GLY A 244 -27.06 1.23 -17.21
C GLY A 244 -27.57 2.20 -16.16
N GLU A 245 -28.46 1.73 -15.28
CA GLU A 245 -29.01 2.57 -14.21
C GLU A 245 -27.91 3.07 -13.27
N HIS A 246 -26.78 2.35 -13.19
CA HIS A 246 -25.69 2.76 -12.29
C HIS A 246 -24.52 3.43 -12.99
N LYS A 247 -24.71 3.89 -14.26
CA LYS A 247 -23.62 4.53 -15.01
C LYS A 247 -23.10 5.87 -14.37
N ASN A 248 -23.86 6.47 -13.44
CA ASN A 248 -23.45 7.74 -12.77
C ASN A 248 -22.54 7.47 -11.55
N LEU A 249 -22.25 6.18 -11.25
CA LEU A 249 -21.54 5.83 -10.01
C LEU A 249 -20.09 5.54 -10.33
N LEU A 250 -19.18 5.88 -9.41
CA LEU A 250 -17.77 5.53 -9.59
C LEU A 250 -17.45 4.07 -9.34
N ARG A 251 -18.24 3.41 -8.48
CA ARG A 251 -18.05 1.97 -8.14
C ARG A 251 -19.40 1.30 -7.98
N LEU A 252 -19.50 0.11 -8.57
CA LEU A 252 -20.60 -0.82 -8.28
C LEU A 252 -20.70 -1.06 -6.76
N ALA A 253 -19.57 -1.06 -6.04
CA ALA A 253 -19.59 -1.31 -4.60
C ALA A 253 -20.45 -0.28 -3.85
N CME A 254 -20.68 0.93 -4.41
CA CME A 254 -21.62 1.89 -3.80
CB CME A 254 -21.68 3.20 -4.57
SG CME A 254 -20.05 3.96 -4.66
SD CME A 254 -19.45 4.00 -2.70
CE CME A 254 -18.07 2.81 -2.77
CZ CME A 254 -18.17 1.90 -1.55
OH CME A 254 -18.12 2.76 -0.42
C CME A 254 -23.05 1.33 -3.70
O CME A 254 -23.85 1.86 -2.92
N THR A 255 -23.37 0.29 -4.46
CA THR A 255 -24.73 -0.30 -4.52
C THR A 255 -24.90 -1.53 -3.63
N LEU A 256 -23.84 -1.92 -2.86
CA LEU A 256 -23.90 -3.12 -2.05
C LEU A 256 -25.05 -3.00 -1.06
N LYS A 257 -25.80 -4.07 -0.90
CA LYS A 257 -26.87 -4.05 0.09
C LYS A 257 -26.46 -4.86 1.32
N PRO A 258 -27.06 -4.54 2.48
CA PRO A 258 -26.84 -5.37 3.69
C PRO A 258 -26.92 -6.87 3.45
N ASP A 259 -25.94 -7.56 4.03
CA ASP A 259 -25.75 -8.98 3.89
C ASP A 259 -24.80 -9.35 5.00
N PRO A 260 -25.32 -9.83 6.14
CA PRO A 260 -24.45 -10.07 7.32
C PRO A 260 -23.28 -11.01 7.02
N GLU A 261 -23.48 -12.06 6.18
CA GLU A 261 -22.39 -13.02 5.92
C GLU A 261 -21.24 -12.27 5.13
N LEU A 262 -21.63 -11.47 4.14
CA LEU A 262 -20.64 -10.69 3.36
C LEU A 262 -19.96 -9.67 4.26
N GLU A 263 -20.74 -8.95 5.07
CA GLU A 263 -20.12 -7.98 5.99
C GLU A 263 -19.15 -8.61 7.01
N MET A 264 -19.50 -9.77 7.56
CA MET A 264 -18.57 -10.49 8.42
C MET A 264 -17.22 -10.76 7.72
N SER A 265 -17.26 -11.21 6.45
CA SER A 265 -16.02 -11.45 5.69
C SER A 265 -15.24 -10.13 5.45
N LEU A 266 -15.94 -9.08 4.99
CA LEU A 266 -15.24 -7.83 4.63
C LEU A 266 -14.66 -7.09 5.84
N GLN A 267 -15.37 -7.13 6.99
CA GLN A 267 -14.86 -6.33 8.11
C GLN A 267 -13.50 -6.87 8.59
N LYS A 268 -13.18 -8.14 8.31
CA LYS A 268 -11.92 -8.71 8.80
C LYS A 268 -10.70 -8.02 8.23
N TYR A 269 -10.87 -7.31 7.10
CA TYR A 269 -9.77 -6.64 6.44
C TYR A 269 -9.51 -5.21 6.98
N VAL A 270 -10.38 -4.73 7.86
CA VAL A 270 -10.40 -3.33 8.26
C VAL A 270 -10.13 -3.23 9.75
N MET A 271 -9.28 -2.27 10.16
CA MET A 271 -8.93 -2.07 11.56
C MET A 271 -10.16 -1.74 12.41
N GLU A 272 -10.18 -2.22 13.68
CA GLU A 272 -11.34 -1.98 14.57
C GLU A 272 -11.66 -0.46 14.78
N SER A 273 -10.62 0.39 14.84
CA SER A 273 -10.86 1.83 15.06
C SER A 273 -11.57 2.44 13.84
N ILE A 274 -11.28 1.90 12.64
CA ILE A 274 -11.98 2.35 11.40
C ILE A 274 -13.45 1.90 11.47
N LEU A 275 -13.68 0.64 11.90
CA LEU A 275 -15.05 0.11 12.03
C LEU A 275 -15.82 0.98 13.04
N LYS A 276 -15.16 1.45 14.12
CA LYS A 276 -15.83 2.28 15.13
C LYS A 276 -16.35 3.56 14.50
N GLN A 277 -15.53 4.17 13.62
CA GLN A 277 -15.93 5.38 12.90
C GLN A 277 -17.07 5.08 11.94
N ILE A 278 -16.94 3.96 11.19
CA ILE A 278 -18.00 3.51 10.26
C ILE A 278 -19.34 3.34 10.95
N ASP A 279 -19.31 2.84 12.20
CA ASP A 279 -20.50 2.58 13.01
C ASP A 279 -21.00 3.84 13.72
N ASN A 280 -20.41 5.03 13.36
CA ASN A 280 -20.76 6.29 14.03
C ASN A 280 -20.62 6.25 15.57
N LYS A 281 -19.59 5.53 16.06
CA LYS A 281 -19.27 5.46 17.50
C LYS A 281 -17.98 6.18 17.81
N GLN A 282 -17.43 6.88 16.81
CA GLN A 282 -16.25 7.71 17.02
C GLN A 282 -16.32 8.83 15.98
N LEU A 283 -15.80 9.99 16.35
CA LEU A 283 -15.88 11.17 15.45
C LEU A 283 -15.06 10.94 14.18
N GLN A 284 -15.53 11.50 13.06
CA GLN A 284 -15.05 11.16 11.70
C GLN A 284 -13.67 11.67 11.47
N GLY A 285 -13.24 12.64 12.30
CA GLY A 285 -11.93 13.29 12.21
C GLY A 285 -10.88 12.80 13.20
N TYR A 286 -11.26 11.87 14.12
CA TYR A 286 -10.45 11.34 15.22
C TYR A 286 -9.14 10.64 14.74
N LEU A 287 -9.18 10.04 13.55
CA LEU A 287 -8.03 9.26 13.07
C LEU A 287 -7.02 10.08 12.24
N SER A 288 -7.29 11.38 11.96
CA SER A 288 -6.30 12.19 11.21
C SER A 288 -5.39 12.80 12.27
N GLU A 289 -4.12 12.36 12.32
CA GLU A 289 -3.28 12.92 13.41
C GLU A 289 -1.82 12.85 13.06
N LEU A 290 -1.04 13.74 13.62
CA LEU A 290 0.41 13.60 13.61
C LEU A 290 0.72 13.04 15.02
N ARG A 291 1.20 11.78 15.09
CA ARG A 291 1.18 10.97 16.32
C ARG A 291 2.57 10.36 16.48
N PRO A 292 3.15 10.36 17.69
CA PRO A 292 4.40 9.59 17.91
C PRO A 292 4.10 8.10 17.94
N VAL A 293 4.82 7.35 17.10
CA VAL A 293 4.66 5.90 17.01
C VAL A 293 6.05 5.22 16.88
N THR A 294 6.06 3.90 17.07
CA THR A 294 7.22 3.11 16.69
C THR A 294 6.83 2.21 15.53
N ILE A 295 7.56 2.31 14.42
CA ILE A 295 7.36 1.46 13.24
C ILE A 295 8.27 0.24 13.39
N VAL A 296 7.70 -0.93 13.18
CA VAL A 296 8.49 -2.18 13.12
C VAL A 296 8.16 -2.77 11.75
N PHE A 297 9.13 -2.67 10.83
CA PHE A 297 8.93 -3.05 9.44
C PHE A 297 9.64 -4.38 9.23
N VAL A 298 8.85 -5.43 8.95
CA VAL A 298 9.33 -6.82 8.92
C VAL A 298 9.38 -7.27 7.48
N ASN A 299 10.53 -7.81 7.04
CA ASN A 299 10.68 -8.33 5.69
C ASN A 299 11.07 -9.80 5.75
N LEU A 300 10.29 -10.63 5.03
CA LEU A 300 10.53 -12.07 4.94
C LEU A 300 10.94 -12.37 3.50
N MET A 301 12.19 -12.85 3.29
CA MET A 301 12.70 -13.21 1.97
CA MET A 301 12.69 -13.22 1.96
C MET A 301 12.61 -14.72 1.76
N PHE A 302 12.19 -15.16 0.55
CA PHE A 302 11.88 -16.59 0.35
C PHE A 302 12.90 -17.39 -0.42
N GLU A 303 13.17 -18.61 0.12
CA GLU A 303 13.61 -19.79 -0.61
C GLU A 303 12.38 -20.28 -1.39
N ASP A 304 12.61 -20.86 -2.60
CA ASP A 304 11.57 -21.11 -3.61
C ASP A 304 10.81 -19.77 -3.79
N GLN A 305 11.57 -18.80 -4.32
CA GLN A 305 11.34 -17.35 -4.30
C GLN A 305 10.25 -16.88 -5.28
N ASP A 306 10.21 -17.47 -6.48
CA ASP A 306 9.15 -17.25 -7.46
C ASP A 306 8.02 -18.30 -7.30
N LYS A 307 7.98 -19.04 -6.15
CA LYS A 307 7.02 -20.13 -5.98
C LYS A 307 5.85 -19.78 -5.04
N ALA A 308 4.77 -19.20 -5.61
CA ALA A 308 3.56 -18.76 -4.90
C ALA A 308 2.94 -19.82 -3.99
N GLU A 309 2.94 -21.08 -4.44
CA GLU A 309 2.38 -22.24 -3.74
C GLU A 309 3.21 -22.62 -2.52
N GLU A 310 4.50 -22.27 -2.49
CA GLU A 310 5.32 -22.44 -1.28
C GLU A 310 5.26 -21.22 -0.36
N ILE A 311 5.21 -20.00 -0.94
CA ILE A 311 5.33 -18.79 -0.13
C ILE A 311 4.05 -18.60 0.73
N GLY A 312 2.90 -19.00 0.20
CA GLY A 312 1.59 -18.80 0.85
C GLY A 312 1.52 -19.41 2.25
N PRO A 313 1.76 -20.75 2.41
CA PRO A 313 1.87 -21.34 3.76
C PRO A 313 2.87 -20.66 4.69
N ALA A 314 4.04 -20.28 4.16
CA ALA A 314 5.11 -19.64 4.94
C ALA A 314 4.64 -18.28 5.50
N ILE A 315 4.04 -17.45 4.66
CA ILE A 315 3.45 -16.17 5.09
C ILE A 315 2.34 -16.36 6.11
N GLN A 316 1.41 -17.32 5.86
CA GLN A 316 0.38 -17.62 6.83
C GLN A 316 0.99 -18.00 8.21
N ASP A 317 1.99 -18.90 8.23
CA ASP A 317 2.62 -19.31 9.47
C ASP A 317 3.28 -18.12 10.19
N ALA A 318 4.02 -17.28 9.45
CA ALA A 318 4.63 -16.06 10.01
C ALA A 318 3.55 -15.11 10.55
N TYR A 319 2.50 -14.89 9.77
CA TYR A 319 1.39 -14.02 10.16
C TYR A 319 0.82 -14.48 11.51
N MET A 320 0.57 -15.82 11.68
CA MET A 320 -0.08 -16.31 12.91
C MET A 320 0.78 -15.93 14.15
N HIS A 321 2.08 -16.01 14.00
CA HIS A 321 2.98 -15.60 15.08
C HIS A 321 3.04 -14.11 15.25
N ILE A 322 3.22 -13.36 14.16
CA ILE A 322 3.27 -11.90 14.21
C ILE A 322 2.02 -11.37 14.92
N THR A 323 0.81 -11.86 14.53
CA THR A 323 -0.40 -11.31 15.13
C THR A 323 -0.46 -11.59 16.66
N SER A 324 0.03 -12.78 17.11
CA SER A 324 0.01 -13.09 18.54
C SER A 324 0.95 -12.15 19.31
N VAL A 325 2.17 -11.90 18.76
CA VAL A 325 3.15 -10.99 19.38
C VAL A 325 2.56 -9.55 19.43
N LEU A 326 2.01 -9.05 18.31
CA LEU A 326 1.42 -7.70 18.26
C LEU A 326 0.27 -7.53 19.25
N LYS A 327 -0.59 -8.56 19.39
CA LYS A 327 -1.75 -8.54 20.33
C LYS A 327 -1.31 -8.20 21.75
N ILE A 328 -0.20 -8.80 22.20
CA ILE A 328 0.22 -8.64 23.59
C ILE A 328 0.52 -7.15 23.87
N PHE A 329 1.22 -6.48 22.92
CA PHE A 329 1.63 -5.08 23.12
C PHE A 329 0.87 -4.07 22.26
N GLN A 330 -0.36 -4.41 21.83
CA GLN A 330 -1.30 -3.54 21.11
C GLN A 330 -0.74 -2.98 19.78
N GLY A 331 0.24 -3.66 19.17
CA GLY A 331 0.71 -3.29 17.84
C GLY A 331 -0.33 -3.64 16.79
N GLN A 332 -0.24 -3.04 15.61
CA GLN A 332 -1.14 -3.30 14.50
C GLN A 332 -0.36 -3.52 13.24
N ILE A 333 -0.88 -4.35 12.33
CA ILE A 333 -0.35 -4.44 10.99
C ILE A 333 -1.07 -3.39 10.20
N ASN A 334 -0.39 -2.34 9.74
CA ASN A 334 -1.01 -1.29 8.90
C ASN A 334 -1.06 -1.62 7.41
N LYS A 335 -0.01 -2.26 6.88
CA LYS A 335 0.10 -2.59 5.46
C LYS A 335 0.88 -3.89 5.34
N VAL A 336 0.55 -4.69 4.29
CA VAL A 336 1.41 -5.82 3.90
C VAL A 336 1.59 -5.69 2.40
N PHE A 337 2.75 -6.01 1.89
CA PHE A 337 2.95 -5.98 0.45
C PHE A 337 4.11 -6.88 0.11
N MET A 338 4.19 -7.31 -1.16
CA MET A 338 5.27 -8.24 -1.53
C MET A 338 5.84 -7.93 -2.90
N PHE A 339 7.16 -7.71 -2.96
CA PHE A 339 7.89 -7.44 -4.20
C PHE A 339 9.19 -8.19 -4.08
N ASP A 340 9.76 -8.60 -5.22
CA ASP A 340 11.11 -9.15 -5.32
C ASP A 340 11.29 -10.31 -4.35
N LYS A 341 10.24 -11.17 -4.23
CA LYS A 341 10.16 -12.35 -3.37
C LYS A 341 10.30 -12.03 -1.85
N GLY A 342 10.05 -10.76 -1.48
CA GLY A 342 10.10 -10.31 -0.08
C GLY A 342 8.76 -9.81 0.39
N CYS A 343 8.18 -10.46 1.41
CA CYS A 343 6.87 -10.08 1.98
C CYS A 343 7.14 -9.17 3.17
N SER A 344 6.60 -7.95 3.11
CA SER A 344 6.87 -6.93 4.15
C SER A 344 5.61 -6.64 4.95
N PHE A 345 5.75 -6.53 6.28
CA PHE A 345 4.65 -6.16 7.18
C PHE A 345 5.02 -4.81 7.81
N LEU A 346 4.20 -3.78 7.58
CA LEU A 346 4.38 -2.49 8.23
C LEU A 346 3.58 -2.55 9.54
N CYS A 347 4.29 -2.75 10.67
CA CYS A 347 3.65 -2.81 11.98
C CYS A 347 3.86 -1.49 12.72
N VAL A 348 2.85 -1.11 13.48
CA VAL A 348 2.82 0.17 14.19
C VAL A 348 2.44 -0.03 15.64
N PHE A 349 3.24 0.53 16.56
CA PHE A 349 2.98 0.57 18.00
C PHE A 349 2.67 2.03 18.34
N GLY A 350 1.54 2.26 18.98
CA GLY A 350 1.07 3.58 19.39
C GLY A 350 0.18 4.48 18.54
N PHE A 351 -0.76 3.97 17.68
N PHE A 351 -0.76 3.95 17.72
CA PHE A 351 -1.64 4.98 17.03
CA PHE A 351 -1.71 4.88 17.13
C PHE A 351 -3.07 5.00 17.74
C PHE A 351 -3.21 4.71 17.61
N PRO A 352 -4.31 4.95 17.10
N PRO A 352 -3.61 3.80 18.55
CA PRO A 352 -5.57 5.34 17.81
CA PRO A 352 -5.00 3.83 19.03
C PRO A 352 -5.71 5.23 19.33
C PRO A 352 -5.20 4.82 20.19
N GLY A 353 -5.35 4.08 19.93
N GLY A 353 -5.41 4.31 21.40
CA GLY A 353 -5.37 3.87 21.39
CA GLY A 353 -5.38 5.11 22.63
C GLY A 353 -4.70 4.98 22.18
C GLY A 353 -3.96 5.32 23.11
N GLU A 354 -5.27 5.31 23.36
N GLU A 354 -3.23 4.20 23.35
CA GLU A 354 -4.87 6.49 24.14
CA GLU A 354 -1.80 4.01 23.69
C GLU A 354 -3.67 6.25 25.09
C GLU A 354 -1.27 4.83 24.90
N LYS A 355 -3.04 5.05 25.02
N LYS A 355 -0.02 4.54 25.29
CA LYS A 355 -1.97 4.63 25.93
CA LYS A 355 0.66 5.13 26.43
C LYS A 355 -0.92 3.69 25.27
C LYS A 355 1.91 5.93 25.95
N VAL A 356 0.11 3.31 26.07
N VAL A 356 1.65 7.04 25.20
CA VAL A 356 1.19 2.29 26.00
CA VAL A 356 2.66 7.94 24.57
C VAL A 356 2.47 2.90 26.60
C VAL A 356 3.41 7.11 23.43
N PRO A 357 2.94 2.42 27.77
N PRO A 357 4.43 7.58 22.62
CA PRO A 357 4.03 3.13 28.47
CA PRO A 357 5.01 6.72 21.56
C PRO A 357 5.44 2.86 27.93
C PRO A 357 5.35 5.30 22.03
N ASP A 358 5.92 1.60 27.99
N ASP A 358 4.46 4.33 21.72
CA ASP A 358 7.26 1.23 27.53
CA ASP A 358 4.32 3.11 22.51
C ASP A 358 7.24 0.87 26.04
C ASP A 358 5.60 2.31 22.66
N GLU A 359 6.80 1.81 25.17
N GLU A 359 5.78 1.79 23.91
CA GLU A 359 6.68 1.52 23.75
CA GLU A 359 7.04 1.34 24.53
C GLU A 359 7.99 1.00 23.10
C GLU A 359 8.07 0.79 23.57
N LEU A 360 9.21 1.46 23.58
CA LEU A 360 10.46 1.19 22.87
C LEU A 360 11.09 -0.15 23.23
N THR A 361 11.23 -0.46 24.54
CA THR A 361 11.77 -1.76 25.00
C THR A 361 10.87 -2.87 24.46
N HIS A 362 9.56 -2.68 24.62
CA HIS A 362 8.55 -3.59 24.10
C HIS A 362 8.60 -3.72 22.57
N ALA A 363 8.77 -2.60 21.80
CA ALA A 363 8.86 -2.69 20.34
C ALA A 363 10.10 -3.56 19.95
N LEU A 364 11.24 -3.32 20.63
CA LEU A 364 12.47 -4.07 20.35
C LEU A 364 12.32 -5.56 20.67
N GLU A 365 11.75 -5.87 21.83
CA GLU A 365 11.46 -7.26 22.25
C GLU A 365 10.49 -7.96 21.27
N CYS A 366 9.43 -7.25 20.84
CA CYS A 366 8.53 -7.78 19.82
CA CYS A 366 8.51 -7.75 19.82
C CYS A 366 9.26 -8.08 18.53
N ALA A 367 10.08 -7.13 18.06
CA ALA A 367 10.91 -7.35 16.85
C ALA A 367 11.79 -8.60 17.00
N MET A 368 12.48 -8.74 18.15
CA MET A 368 13.35 -9.91 18.31
C MET A 368 12.52 -11.22 18.34
N ASP A 369 11.36 -11.19 19.00
CA ASP A 369 10.46 -12.36 19.04
C ASP A 369 10.07 -12.78 17.60
N ILE A 370 9.55 -11.83 16.83
CA ILE A 370 9.23 -12.03 15.41
C ILE A 370 10.41 -12.60 14.65
N PHE A 371 11.57 -11.97 14.80
CA PHE A 371 12.81 -12.36 14.13
C PHE A 371 13.12 -13.85 14.43
N ASP A 372 13.16 -14.22 15.71
CA ASP A 372 13.53 -15.58 16.13
C ASP A 372 12.55 -16.61 15.58
N PHE A 373 11.24 -16.34 15.70
CA PHE A 373 10.23 -17.27 15.22
C PHE A 373 10.25 -17.41 13.70
N CYS A 374 10.21 -16.28 12.99
CA CYS A 374 10.05 -16.33 11.53
C CYS A 374 11.28 -16.93 10.86
N SER A 375 12.46 -16.74 11.49
CA SER A 375 13.72 -17.35 11.00
C SER A 375 13.63 -18.87 10.94
N GLN A 376 12.73 -19.49 11.73
CA GLN A 376 12.62 -20.94 11.84
C GLN A 376 11.45 -21.47 11.01
N VAL A 377 10.70 -20.57 10.33
CA VAL A 377 9.58 -20.96 9.46
C VAL A 377 10.14 -21.58 8.18
N HIS A 378 9.63 -22.76 7.82
CA HIS A 378 9.98 -23.47 6.58
C HIS A 378 9.84 -22.53 5.38
N LYS A 379 10.87 -22.47 4.53
CA LYS A 379 10.90 -21.68 3.28
C LYS A 379 11.27 -20.22 3.47
N ILE A 380 11.26 -19.71 4.72
CA ILE A 380 11.77 -18.36 4.95
C ILE A 380 13.30 -18.37 5.04
N GLN A 381 13.97 -17.78 4.03
CA GLN A 381 15.41 -17.71 3.84
C GLN A 381 16.07 -16.66 4.74
N THR A 382 15.47 -15.45 4.83
CA THR A 382 16.08 -14.32 5.59
C THR A 382 14.97 -13.51 6.22
N VAL A 383 15.14 -13.10 7.48
CA VAL A 383 14.19 -12.17 8.12
C VAL A 383 14.98 -10.91 8.41
N SER A 384 14.39 -9.74 8.13
CA SER A 384 15.05 -8.46 8.37
C SER A 384 14.02 -7.54 9.00
N ILE A 385 14.40 -6.82 10.07
CA ILE A 385 13.43 -5.94 10.75
C ILE A 385 14.03 -4.59 11.03
N GLY A 386 13.39 -3.55 10.55
CA GLY A 386 13.80 -2.18 10.90
C GLY A 386 12.83 -1.51 11.85
N VAL A 387 13.36 -0.85 12.86
CA VAL A 387 12.60 -0.27 13.98
C VAL A 387 12.95 1.21 14.05
N ALA A 388 11.96 2.09 13.86
CA ALA A 388 12.25 3.54 13.91
C ALA A 388 11.10 4.22 14.65
N SER A 389 11.36 5.29 15.36
CA SER A 389 10.34 5.96 16.21
C SER A 389 10.33 7.45 16.05
N GLY A 390 9.12 8.00 15.94
CA GLY A 390 8.98 9.46 15.85
C GLY A 390 7.60 9.82 15.36
N ILE A 391 7.45 11.08 14.93
CA ILE A 391 6.13 11.59 14.53
C ILE A 391 5.78 11.20 13.14
N VAL A 392 4.59 10.56 12.99
CA VAL A 392 4.17 10.16 11.64
C VAL A 392 2.77 10.69 11.41
N PHE A 393 2.38 10.82 10.14
CA PHE A 393 1.00 11.19 9.80
C PHE A 393 0.21 9.90 9.72
N CYS A 394 -0.96 9.86 10.39
CA CYS A 394 -1.93 8.78 10.26
C CYS A 394 -3.22 9.39 9.75
N GLY A 395 -3.90 8.66 8.89
CA GLY A 395 -5.20 9.18 8.45
C GLY A 395 -5.76 8.33 7.33
N ILE A 396 -7.06 8.56 7.04
CA ILE A 396 -7.71 7.88 5.91
C ILE A 396 -7.39 8.66 4.63
N VAL A 397 -6.70 7.98 3.66
CA VAL A 397 -6.25 8.63 2.43
C VAL A 397 -6.99 8.08 1.23
N GLY A 398 -7.38 8.95 0.32
CA GLY A 398 -7.94 8.54 -0.96
C GLY A 398 -9.21 9.27 -1.26
N HIS A 399 -10.16 8.61 -1.99
CA HIS A 399 -11.43 9.19 -2.42
C HIS A 399 -12.54 8.73 -1.45
N THR A 400 -13.62 9.53 -1.34
CA THR A 400 -14.81 9.06 -0.57
C THR A 400 -15.17 7.57 -0.88
N VAL A 401 -15.14 7.21 -2.17
CA VAL A 401 -15.59 5.86 -2.58
C VAL A 401 -14.50 4.79 -2.46
N ARG A 402 -13.25 5.22 -2.27
CA ARG A 402 -12.12 4.27 -2.25
C ARG A 402 -10.95 4.92 -1.51
N HIS A 403 -10.75 4.49 -0.25
CA HIS A 403 -9.75 5.08 0.63
C HIS A 403 -9.28 4.07 1.63
N GLU A 404 -8.15 4.34 2.31
CA GLU A 404 -7.63 3.37 3.31
C GLU A 404 -6.90 4.17 4.39
N TYR A 405 -6.89 3.61 5.60
CA TYR A 405 -6.08 4.20 6.65
C TYR A 405 -4.60 3.96 6.30
N THR A 406 -3.78 4.99 6.46
CA THR A 406 -2.40 4.89 6.03
C THR A 406 -1.50 5.62 7.00
N VAL A 407 -0.25 5.17 7.09
CA VAL A 407 0.75 5.88 7.92
C VAL A 407 1.86 6.38 6.96
N ILE A 408 2.25 7.65 7.11
CA ILE A 408 3.17 8.33 6.17
C ILE A 408 4.17 9.14 6.99
N GLY A 409 5.45 8.97 6.66
CA GLY A 409 6.41 9.83 7.34
C GLY A 409 7.84 9.36 7.16
N GLN A 410 8.77 10.25 7.44
CA GLN A 410 10.22 9.95 7.27
C GLN A 410 10.63 8.73 8.07
N LYS A 411 10.09 8.55 9.31
CA LYS A 411 10.43 7.35 10.11
C LYS A 411 9.85 6.06 9.51
N VAL A 412 8.68 6.14 8.85
CA VAL A 412 8.20 4.94 8.12
C VAL A 412 9.18 4.56 6.99
N ASN A 413 9.59 5.54 6.16
CA ASN A 413 10.50 5.29 5.05
C ASN A 413 11.87 4.77 5.62
N LEU A 414 12.30 5.34 6.75
CA LEU A 414 13.59 4.96 7.34
C LEU A 414 13.52 3.46 7.74
N ALA A 415 12.46 3.06 8.46
CA ALA A 415 12.34 1.65 8.91
C ALA A 415 12.36 0.71 7.67
N ALA A 416 11.60 1.09 6.57
CA ALA A 416 11.60 0.35 5.32
C ALA A 416 13.00 0.20 4.71
N ARG A 417 13.77 1.29 4.65
CA ARG A 417 15.09 1.27 4.05
C ARG A 417 16.05 0.47 4.92
N MET A 418 15.90 0.57 6.27
CA MET A 418 16.80 -0.18 7.19
C MET A 418 16.62 -1.69 6.97
N MET A 419 15.38 -2.18 6.81
CA MET A 419 15.19 -3.63 6.67
C MET A 419 15.78 -4.16 5.34
N MET A 420 15.84 -3.31 4.29
CA MET A 420 16.43 -3.67 3.00
C MET A 420 17.95 -3.57 2.99
N TYR A 421 18.49 -2.50 3.57
CA TYR A 421 19.92 -2.21 3.54
C TYR A 421 20.69 -2.94 4.61
N TYR A 422 19.99 -3.43 5.65
CA TYR A 422 20.64 -4.23 6.68
C TYR A 422 19.90 -5.57 6.85
N PRO A 423 20.03 -6.44 5.83
CA PRO A 423 19.23 -7.69 5.82
C PRO A 423 19.72 -8.67 6.89
N GLY A 424 18.83 -9.54 7.36
CA GLY A 424 19.16 -10.65 8.25
C GLY A 424 19.31 -10.31 9.74
N ILE A 425 19.03 -9.06 10.11
CA ILE A 425 19.19 -8.60 11.49
C ILE A 425 18.02 -7.67 11.90
N VAL A 426 17.92 -7.35 13.20
CA VAL A 426 16.94 -6.40 13.71
C VAL A 426 17.75 -5.10 13.91
N THR A 427 17.32 -4.01 13.23
CA THR A 427 18.00 -2.71 13.36
C THR A 427 17.04 -1.69 14.01
N CYS A 428 17.62 -0.66 14.67
CA CYS A 428 16.83 0.43 15.20
C CYS A 428 17.51 1.77 15.01
N ASP A 429 16.71 2.85 15.08
CA ASP A 429 17.26 4.18 14.94
C ASP A 429 17.74 4.70 16.34
N SER A 430 18.22 5.94 16.34
CA SER A 430 18.77 6.55 17.56
C SER A 430 17.70 6.86 18.61
N VAL A 431 16.50 7.29 18.16
CA VAL A 431 15.39 7.54 19.10
C VAL A 431 15.07 6.27 19.91
N THR A 432 14.94 5.14 19.22
CA THR A 432 14.62 3.86 19.87
C THR A 432 15.77 3.42 20.76
N TYR A 433 17.00 3.49 20.25
CA TYR A 433 18.15 3.04 21.03
C TYR A 433 18.23 3.85 22.35
N ASN A 434 18.21 5.18 22.23
CA ASN A 434 18.42 6.07 23.38
C ASN A 434 17.26 6.02 24.37
N GLY A 435 16.05 5.98 23.85
CA GLY A 435 14.84 5.97 24.65
C GLY A 435 14.64 4.70 25.43
N SER A 436 15.02 3.50 24.85
CA SER A 436 14.80 2.19 25.50
C SER A 436 15.49 2.12 26.88
N ASN A 437 16.59 2.89 27.04
CA ASN A 437 17.48 2.92 28.22
C ASN A 437 18.11 1.56 28.54
N LEU A 438 17.88 0.55 27.65
CA LEU A 438 18.45 -0.80 27.69
C LEU A 438 19.94 -0.71 27.76
N PRO A 439 20.64 -1.67 28.42
CA PRO A 439 22.11 -1.52 28.50
C PRO A 439 22.67 -1.46 27.08
N ALA A 440 23.74 -0.69 26.90
CA ALA A 440 24.33 -0.45 25.59
C ALA A 440 24.77 -1.77 24.94
N TYR A 441 25.30 -2.77 25.73
CA TYR A 441 25.72 -4.08 25.22
C TYR A 441 24.56 -4.93 24.61
N PHE A 442 23.31 -4.50 24.74
CA PHE A 442 22.20 -5.16 24.01
C PHE A 442 22.25 -4.77 22.53
N PHE A 443 23.13 -3.81 22.18
CA PHE A 443 23.14 -3.29 20.79
C PHE A 443 24.51 -3.40 20.18
N LYS A 444 24.55 -3.26 18.86
CA LYS A 444 25.79 -3.04 18.14
C LYS A 444 25.62 -1.79 17.30
N GLU A 445 26.50 -0.81 17.46
CA GLU A 445 26.45 0.41 16.67
C GLU A 445 26.92 0.05 15.24
N LEU A 446 26.14 0.46 14.20
CA LEU A 446 26.38 -0.03 12.83
C LEU A 446 27.12 0.95 11.95
N PRO A 447 27.84 0.45 10.92
CA PRO A 447 28.34 1.36 9.88
C PRO A 447 27.19 2.12 9.22
N LYS A 448 27.46 3.37 8.84
CA LYS A 448 26.47 4.27 8.21
C LYS A 448 26.38 3.94 6.72
N LYS A 449 25.19 3.69 6.20
CA LYS A 449 24.99 3.36 4.78
C LYS A 449 24.25 4.49 4.11
N VAL A 450 24.59 4.81 2.86
CA VAL A 450 23.82 5.79 2.06
C VAL A 450 22.58 5.03 1.60
N MET A 451 21.39 5.45 2.05
CA MET A 451 20.17 4.74 1.70
C MET A 451 19.33 5.61 0.80
N LYS A 452 19.09 5.12 -0.43
CA LYS A 452 18.28 5.79 -1.45
C LYS A 452 16.96 6.21 -0.83
N GLY A 453 16.79 7.53 -0.65
CA GLY A 453 15.57 8.11 -0.08
C GLY A 453 15.75 8.75 1.28
N VAL A 454 16.88 8.47 1.96
CA VAL A 454 17.13 8.94 3.34
C VAL A 454 18.24 9.99 3.33
N ALA A 455 17.96 11.18 3.92
CA ALA A 455 18.95 12.23 4.15
C ALA A 455 19.23 12.30 5.66
N ASP A 456 20.41 11.77 6.04
CA ASP A 456 20.88 11.56 7.41
C ASP A 456 19.89 10.77 8.28
N SER A 457 20.11 9.45 8.34
CA SER A 457 19.39 8.50 9.18
C SER A 457 19.61 8.76 10.69
N GLY A 458 20.72 9.44 11.03
CA GLY A 458 21.28 9.48 12.37
C GLY A 458 22.07 8.20 12.63
N PRO A 459 22.71 7.99 13.80
CA PRO A 459 23.36 6.70 14.06
C PRO A 459 22.32 5.56 14.06
N LEU A 460 22.69 4.41 13.47
CA LEU A 460 21.82 3.24 13.49
C LEU A 460 22.45 2.09 14.28
N TYR A 461 21.60 1.21 14.83
CA TYR A 461 22.06 0.14 15.73
C TYR A 461 21.44 -1.17 15.33
N GLN A 462 22.14 -2.24 15.54
CA GLN A 462 21.55 -3.56 15.52
C GLN A 462 21.10 -3.87 16.94
N TYR A 463 19.90 -4.42 17.08
CA TYR A 463 19.47 -4.94 18.38
C TYR A 463 20.04 -6.37 18.45
N TRP A 464 21.08 -6.54 19.24
CA TRP A 464 21.79 -7.81 19.35
C TRP A 464 21.04 -8.75 20.26
N GLY A 465 20.41 -8.21 21.29
CA GLY A 465 19.62 -9.00 22.22
C GLY A 465 20.29 -9.11 23.58
N ARG A 466 19.64 -9.84 24.49
CA ARG A 466 20.10 -10.00 25.91
C ARG A 466 21.42 -10.74 26.09
N THR A 467 21.85 -11.59 25.13
CA THR A 467 23.00 -12.51 25.38
C THR A 467 24.02 -12.36 24.27
N GLU A 468 25.29 -12.72 24.50
CA GLU A 468 26.29 -12.74 23.41
C GLU A 468 25.88 -13.67 22.28
N LYS A 469 25.32 -14.85 22.63
CA LYS A 469 24.86 -15.86 21.67
C LYS A 469 23.48 -15.54 21.09
C1 1WC B . 7.40 4.11 -4.56
C2 1WC B . 6.85 4.17 -3.18
C6 1WC B . 6.12 3.90 -1.11
C7 1WC B . 6.74 3.23 -2.18
C8 1WC B . 7.17 1.81 -2.18
C10 1WC B . 8.90 0.19 -2.66
C11 1WC B . 8.09 -0.83 -2.20
C12 1WC B . 6.83 -0.54 -1.73
C13 1WC B . 6.38 0.77 -1.71
N3 1WC B . 6.32 5.31 -2.70
N5 1WC B . 5.86 5.17 -1.42
C9 1WC B . 8.45 1.51 -2.65
CL1 1WC B . 4.78 1.07 -1.11
H16 1WC B . 8.30 4.48 -4.57
H17 1WC B . 7.42 3.18 -4.86
H15 1WC B . 6.83 4.62 -5.17
H18 1WC B . 5.92 3.53 -0.27
H20 1WC B . 9.76 0.00 -2.99
H21 1WC B . 8.40 -1.72 -2.21
H22 1WC B . 6.28 -1.24 -1.41
H4 1WC B . 6.25 6.05 -3.10
H19 1WC B . 9.01 2.19 -2.97
C1 1WC C . -0.76 -5.70 -2.15
C2 1WC C . 0.58 -5.78 -2.79
C6 1WC C . 2.52 -5.37 -3.72
C7 1WC C . 1.42 -4.72 -3.22
C8 1WC C . 1.28 -3.25 -3.17
C10 1WC C . 2.37 -1.14 -2.78
C11 1WC C . 1.20 -0.47 -2.94
C12 1WC C . 0.04 -1.16 -3.24
C13 1WC C . 0.08 -2.55 -3.33
N3 1WC C . 1.13 -6.98 -3.01
N5 1WC C . 2.32 -6.68 -3.59
C9 1WC C . 2.42 -2.52 -2.88
CL1 1WC C . -1.40 -3.38 -3.71
H16 1WC C . -0.83 -6.40 -1.47
H17 1WC C . -0.87 -4.83 -1.73
H15 1WC C . -1.44 -5.85 -2.83
H18 1WC C . 3.30 -4.99 -4.10
H20 1WC C . 3.17 -0.66 -2.58
H21 1WC C . 1.18 0.47 -2.89
H22 1WC C . -0.77 -0.71 -3.37
H19 1WC C . 3.23 -2.96 -2.74
H5 1WC C . 2.83 -7.28 -3.83
C1 1WC D . 7.61 6.77 1.16
C2 1WC D . 6.94 6.34 2.42
C6 1WC D . 6.05 5.35 4.17
C7 1WC D . 6.77 5.06 2.99
C8 1WC D . 7.22 3.73 2.51
C10 1WC D . 8.99 2.47 1.43
C11 1WC D . 8.22 1.33 1.51
C12 1WC D . 6.96 1.38 2.06
C13 1WC D . 6.47 2.55 2.57
N3 1WC D . 6.34 7.22 3.24
N5 1WC D . 5.79 6.64 4.33
C9 1WC D . 8.50 3.67 1.93
CL1 1WC D . 4.88 2.54 3.27
H16 1WC D . 8.52 7.06 1.36
H17 1WC D . 7.64 6.02 0.53
H15 1WC D . 7.11 7.51 0.76
H18 1WC D . 5.77 4.71 4.79
H20 1WC D . 9.84 2.43 1.04
H21 1WC D . 8.55 0.51 1.17
H22 1WC D . 6.44 0.59 2.12
H4 1WC D . 6.29 8.01 3.16
H19 1WC D . 9.03 4.45 1.87
C1 GOL E . -2.90 -6.51 14.04
C1 GOL E . -3.13 -7.61 16.12
O1 GOL E . -3.43 -5.56 13.10
O1 GOL E . -2.24 -8.38 16.90
C2 GOL E . -3.56 -6.39 15.38
C2 GOL E . -2.47 -7.08 14.86
O2 GOL E . -4.95 -6.73 15.27
O2 GOL E . -2.08 -8.17 14.01
C3 GOL E . -2.88 -7.29 16.39
C3 GOL E . -3.53 -6.25 14.17
O3 GOL E . -3.51 -7.20 17.65
O3 GOL E . -3.10 -5.81 12.89
C1 GOL F . -14.59 -12.77 -0.77
O1 GOL F . -14.75 -13.92 0.06
C2 GOL F . -14.68 -11.54 0.07
O2 GOL F . -15.74 -11.64 1.03
C3 GOL F . -13.33 -11.41 0.73
O3 GOL F . -13.11 -12.23 1.86
#